data_7N50
#
_entry.id   7N50
#
_cell.length_a   40.770
_cell.length_b   146.180
_cell.length_c   34.980
_cell.angle_alpha   90.000
_cell.angle_beta   90.000
_cell.angle_gamma   90.000
#
_symmetry.space_group_name_H-M   'P 21 21 2'
#
loop_
_entity.id
_entity.type
_entity.pdbx_description
1 polymer Gasdermin
2 water water
#
_entity_poly.entity_id   1
_entity_poly.type   'polypeptide(L)'
_entity_poly.pdbx_seq_one_letter_code
;SN(P1L)SRDTGDELMAALLAEGINLILPPRDNIAPGDLIIADPQGGARLGGWHEVFNLQLSPEVATDPGFKSFQFRASS
ILQVGVAASVMGRVLQALGLGSGSFSSAFSSSNADTIQLSIVAPANKELTNFDAVLVQMNEAKAEPAQGYTDRNFFVVTK
VWRARGIRISVADKSKKQVDLSAKAVEELTAKAKMELKREDTGSYAFLAASQLIFGLTLREVTYKDGAIVDVAPTGPLKF
RGKGPGDPFAFIGDDAFVDLPES
;
_entity_poly.pdbx_strand_id   A
#
# COMPACT_ATOMS: atom_id res chain seq x y z
N ASN A 2 8.90 8.23 7.75
CA ASN A 2 9.05 6.82 8.11
C ASN A 2 7.98 6.35 9.10
N SER A 4 6.56 3.63 11.38
CA SER A 4 6.99 2.38 12.01
C SER A 4 5.82 1.40 12.13
N ARG A 5 6.11 0.10 11.96
CA ARG A 5 5.05 -0.91 12.04
C ARG A 5 4.69 -1.24 13.49
N ASP A 6 5.55 -0.89 14.44
CA ASP A 6 5.22 -1.02 15.86
C ASP A 6 4.46 0.19 16.38
N THR A 7 3.72 0.88 15.52
CA THR A 7 2.86 1.98 15.94
C THR A 7 1.57 1.42 16.54
N GLY A 8 1.09 2.07 17.58
CA GLY A 8 -0.13 1.66 18.25
C GLY A 8 -1.33 2.39 17.68
N ASP A 9 -1.74 1.96 16.49
CA ASP A 9 -2.76 2.64 15.71
C ASP A 9 -3.75 1.58 15.25
N GLU A 10 -5.04 1.83 15.47
CA GLU A 10 -6.05 0.80 15.23
C GLU A 10 -6.07 0.36 13.76
N LEU A 11 -6.04 1.31 12.84
CA LEU A 11 -6.04 0.92 11.44
C LEU A 11 -4.72 0.28 11.06
N MET A 12 -3.61 0.82 11.55
CA MET A 12 -2.32 0.19 11.26
C MET A 12 -2.31 -1.26 11.70
N ALA A 13 -2.84 -1.52 12.90
CA ALA A 13 -2.87 -2.88 13.41
C ALA A 13 -3.77 -3.78 12.57
N ALA A 14 -4.91 -3.25 12.11
CA ALA A 14 -5.78 -4.00 11.22
C ALA A 14 -5.09 -4.33 9.89
N LEU A 15 -4.38 -3.35 9.31
CA LEU A 15 -3.64 -3.59 8.07
C LEU A 15 -2.57 -4.66 8.24
N LEU A 16 -1.78 -4.55 9.31
CA LEU A 16 -0.69 -5.50 9.53
C LEU A 16 -1.21 -6.88 9.89
N ALA A 17 -2.39 -6.96 10.51
CA ALA A 17 -3.02 -8.26 10.78
C ALA A 17 -3.31 -9.01 9.49
N GLU A 18 -3.50 -8.29 8.39
CA GLU A 18 -3.69 -8.91 7.09
C GLU A 18 -2.40 -9.02 6.32
N GLY A 19 -1.27 -8.66 6.93
CA GLY A 19 0.03 -8.71 6.28
C GLY A 19 0.26 -7.62 5.25
N ILE A 20 -0.45 -6.51 5.33
CA ILE A 20 -0.43 -5.55 4.23
C ILE A 20 0.83 -4.69 4.33
N ASN A 21 1.61 -4.72 3.26
CA ASN A 21 2.69 -3.78 2.98
C ASN A 21 2.09 -2.68 2.12
N LEU A 22 2.09 -1.45 2.63
CA LEU A 22 1.48 -0.34 1.91
C LEU A 22 2.47 0.10 0.85
N ILE A 23 2.05 0.14 -0.39
CA ILE A 23 3.01 0.38 -1.47
C ILE A 23 2.79 1.77 -2.07
N LEU A 24 3.89 2.35 -2.55
CA LEU A 24 3.88 3.71 -3.10
C LEU A 24 4.56 3.71 -4.47
N PRO A 25 3.97 4.34 -5.49
CA PRO A 25 2.65 4.95 -5.47
C PRO A 25 1.55 3.89 -5.59
N PRO A 26 0.32 4.25 -5.29
CA PRO A 26 -0.80 3.38 -5.65
C PRO A 26 -0.86 3.25 -7.16
N ARG A 27 -1.44 2.15 -7.65
CA ARG A 27 -1.35 1.85 -9.07
C ARG A 27 -2.38 0.81 -9.48
N ASP A 28 -2.33 0.42 -10.75
CA ASP A 28 -3.30 -0.53 -11.25
C ASP A 28 -2.67 -1.80 -11.81
N ASN A 29 -1.34 -1.94 -11.78
CA ASN A 29 -0.66 -2.91 -12.61
C ASN A 29 0.24 -3.85 -11.79
N ILE A 30 -0.26 -4.40 -10.69
CA ILE A 30 0.41 -5.46 -9.93
C ILE A 30 -0.56 -6.62 -9.78
N ALA A 31 -0.04 -7.83 -9.92
CA ALA A 31 -0.86 -9.02 -9.89
C ALA A 31 -0.39 -9.95 -8.80
N PRO A 32 -1.27 -10.76 -8.25
CA PRO A 32 -0.82 -11.86 -7.40
C PRO A 32 0.19 -12.72 -8.16
N GLY A 33 1.23 -13.16 -7.44
CA GLY A 33 2.33 -13.92 -8.01
C GLY A 33 3.52 -13.10 -8.46
N ASP A 34 3.37 -11.77 -8.51
CA ASP A 34 4.49 -10.92 -8.91
C ASP A 34 5.63 -11.05 -7.91
N LEU A 35 6.84 -10.75 -8.38
CA LEU A 35 8.05 -10.89 -7.58
C LEU A 35 8.57 -9.51 -7.20
N ILE A 36 8.89 -9.34 -5.91
CA ILE A 36 9.58 -8.14 -5.43
C ILE A 36 10.99 -8.53 -5.03
N ILE A 37 11.96 -7.75 -5.49
CA ILE A 37 13.35 -7.91 -5.09
C ILE A 37 13.71 -6.74 -4.18
N ALA A 38 14.24 -7.05 -3.00
CA ALA A 38 14.51 -6.01 -2.02
C ALA A 38 15.95 -6.10 -1.57
N ASP A 39 16.57 -4.94 -1.45
CA ASP A 39 17.84 -4.81 -0.77
C ASP A 39 17.57 -4.68 0.73
N PRO A 40 18.07 -5.59 1.57
CA PRO A 40 17.83 -5.44 3.01
C PRO A 40 18.41 -4.17 3.58
N GLN A 41 19.38 -3.56 2.90
CA GLN A 41 19.95 -2.28 3.32
C GLN A 41 19.67 -1.15 2.32
N GLY A 42 18.64 -1.29 1.51
CA GLY A 42 18.33 -0.32 0.48
C GLY A 42 16.88 -0.36 0.17
N GLY A 43 16.53 -0.30 -1.12
CA GLY A 43 15.16 -0.23 -1.54
C GLY A 43 14.65 -1.54 -2.12
N ALA A 44 13.37 -1.51 -2.50
CA ALA A 44 12.71 -2.66 -3.08
C ALA A 44 12.10 -2.24 -4.41
N ARG A 45 11.93 -3.21 -5.30
CA ARG A 45 11.26 -2.94 -6.56
C ARG A 45 10.58 -4.21 -7.06
N LEU A 46 9.62 -4.02 -7.97
CA LEU A 46 9.13 -5.17 -8.70
C LEU A 46 10.19 -5.65 -9.64
N GLY A 47 10.26 -6.98 -9.79
CA GLY A 47 11.25 -7.58 -10.65
C GLY A 47 10.75 -8.82 -11.34
N GLY A 48 11.65 -9.54 -11.97
CA GLY A 48 11.30 -10.76 -12.69
C GLY A 48 12.14 -11.93 -12.20
N TRP A 49 11.55 -13.12 -12.27
CA TRP A 49 12.28 -14.35 -11.96
C TRP A 49 13.54 -14.48 -12.80
N HIS A 50 13.55 -13.91 -14.00
CA HIS A 50 14.76 -13.97 -14.82
C HIS A 50 15.89 -13.14 -14.24
N GLU A 51 15.62 -12.26 -13.28
CA GLU A 51 16.75 -11.63 -12.61
C GLU A 51 17.35 -12.54 -11.56
N VAL A 52 16.64 -13.59 -11.16
CA VAL A 52 17.12 -14.52 -10.16
C VAL A 52 17.55 -15.85 -10.79
N PHE A 53 16.96 -16.25 -11.91
CA PHE A 53 17.27 -17.51 -12.56
C PHE A 53 17.31 -17.35 -14.06
N ASN A 54 18.10 -18.20 -14.73
CA ASN A 54 18.13 -18.19 -16.19
C ASN A 54 16.98 -19.07 -16.69
N LEU A 55 15.78 -18.51 -16.65
CA LEU A 55 14.59 -19.12 -17.22
C LEU A 55 13.94 -18.14 -18.18
N GLN A 56 12.94 -18.63 -18.90
CA GLN A 56 12.14 -17.80 -19.80
C GLN A 56 10.76 -17.46 -19.24
N LEU A 57 10.04 -18.45 -18.72
CA LEU A 57 8.66 -18.28 -18.31
C LEU A 57 8.55 -18.19 -16.79
N SER A 58 7.61 -17.37 -16.32
CA SER A 58 7.18 -17.45 -14.95
C SER A 58 6.34 -18.71 -14.75
N PRO A 59 6.23 -19.19 -13.50
CA PRO A 59 5.27 -20.25 -13.21
C PRO A 59 3.86 -19.79 -13.54
N GLU A 60 2.97 -20.78 -13.73
CA GLU A 60 1.54 -20.51 -13.89
C GLU A 60 0.94 -20.10 -12.56
N VAL A 61 0.34 -18.91 -12.52
CA VAL A 61 -0.29 -18.43 -11.28
C VAL A 61 -1.80 -18.65 -11.37
N ALA A 62 -2.40 -18.99 -10.23
CA ALA A 62 -3.85 -19.07 -10.09
C ALA A 62 -4.30 -18.03 -9.08
N THR A 63 -5.43 -17.36 -9.36
CA THR A 63 -5.94 -16.31 -8.48
C THR A 63 -7.42 -16.50 -8.21
N ASP A 64 -7.93 -15.75 -7.23
CA ASP A 64 -9.38 -15.61 -7.11
C ASP A 64 -9.94 -15.09 -8.42
N PRO A 65 -11.16 -15.46 -8.77
CA PRO A 65 -11.75 -14.99 -10.03
C PRO A 65 -11.85 -13.48 -10.10
N GLY A 66 -12.04 -12.81 -8.98
CA GLY A 66 -12.12 -11.36 -9.01
C GLY A 66 -11.76 -10.84 -7.63
N PHE A 67 -11.84 -9.52 -7.48
CA PHE A 67 -11.64 -8.92 -6.18
C PHE A 67 -12.84 -9.15 -5.28
N LYS A 68 -12.56 -9.27 -3.99
CA LYS A 68 -13.56 -9.48 -2.95
C LYS A 68 -13.55 -8.29 -2.01
N SER A 69 -14.73 -7.74 -1.69
CA SER A 69 -14.76 -6.60 -0.79
C SER A 69 -14.25 -6.98 0.60
N PHE A 70 -13.64 -6.02 1.29
CA PHE A 70 -13.07 -6.27 2.61
C PHE A 70 -13.10 -4.96 3.38
N GLN A 71 -13.77 -4.91 4.53
CA GLN A 71 -13.85 -3.69 5.32
C GLN A 71 -12.93 -3.75 6.51
N PHE A 72 -12.22 -2.66 6.81
CA PHE A 72 -11.29 -2.73 7.94
C PHE A 72 -11.91 -2.39 9.28
N ARG A 73 -13.02 -1.66 9.32
CA ARG A 73 -13.69 -1.26 10.56
C ARG A 73 -12.70 -0.70 11.58
N ALA A 74 -11.78 0.13 11.10
CA ALA A 74 -10.79 0.75 11.95
C ALA A 74 -10.41 2.08 11.33
N SER A 75 -9.97 3.01 12.16
CA SER A 75 -9.46 4.28 11.68
C SER A 75 -8.17 4.60 12.42
N SER A 76 -7.41 5.53 11.85
CA SER A 76 -6.19 6.07 12.44
C SER A 76 -6.44 7.48 12.94
N ILE A 77 -5.92 7.81 14.12
CA ILE A 77 -6.00 9.17 14.64
C ILE A 77 -4.60 9.74 14.56
N LEU A 78 -4.42 10.76 13.73
CA LEU A 78 -3.09 11.25 13.38
C LEU A 78 -2.98 12.72 13.76
N GLN A 79 -1.94 13.06 14.52
CA GLN A 79 -1.62 14.47 14.69
C GLN A 79 -1.37 15.10 13.33
N VAL A 80 -1.72 16.37 13.19
CA VAL A 80 -1.85 16.95 11.85
C VAL A 80 -0.54 16.90 11.07
N GLY A 81 0.60 17.06 11.75
CA GLY A 81 1.89 16.97 11.05
C GLY A 81 2.16 15.58 10.51
N VAL A 82 1.91 14.55 11.32
CA VAL A 82 1.98 13.17 10.83
C VAL A 82 0.97 12.95 9.71
N ALA A 83 -0.25 13.46 9.86
CA ALA A 83 -1.28 13.26 8.83
C ALA A 83 -0.84 13.84 7.49
N ALA A 84 -0.21 15.01 7.51
CA ALA A 84 0.24 15.62 6.26
C ALA A 84 1.31 14.77 5.60
N SER A 85 2.22 14.23 6.41
CA SER A 85 3.28 13.37 5.87
C SER A 85 2.69 12.11 5.26
N VAL A 86 1.78 11.44 5.99
CA VAL A 86 1.16 10.20 5.52
C VAL A 86 0.35 10.45 4.26
N MET A 87 -0.57 11.43 4.30
CA MET A 87 -1.41 11.64 3.15
C MET A 87 -0.60 12.11 1.95
N GLY A 88 0.43 12.92 2.20
CA GLY A 88 1.28 13.37 1.12
C GLY A 88 2.03 12.23 0.47
N ARG A 89 2.52 11.29 1.27
CA ARG A 89 3.20 10.13 0.68
C ARG A 89 2.24 9.29 -0.15
N VAL A 90 1.02 9.06 0.36
CA VAL A 90 0.06 8.23 -0.36
C VAL A 90 -0.39 8.92 -1.64
N LEU A 91 -0.64 10.23 -1.61
CA LEU A 91 -1.33 10.87 -2.71
C LEU A 91 -0.42 11.75 -3.56
N GLN A 92 0.90 11.70 -3.35
CA GLN A 92 1.81 12.52 -4.13
C GLN A 92 1.66 12.27 -5.64
N ALA A 93 1.50 11.00 -6.02
CA ALA A 93 1.39 10.71 -7.43
C ALA A 93 0.07 11.16 -8.02
N LEU A 94 -0.93 11.43 -7.18
CA LEU A 94 -2.19 12.03 -7.60
C LEU A 94 -2.20 13.53 -7.33
N GLY A 95 -1.03 14.15 -7.16
CA GLY A 95 -0.91 15.60 -7.16
C GLY A 95 -0.82 16.26 -5.79
N LEU A 96 -0.98 15.51 -4.71
CA LEU A 96 -1.13 16.04 -3.34
C LEU A 96 -0.01 15.52 -2.46
N GLY A 97 1.09 16.30 -2.36
CA GLY A 97 2.18 15.94 -1.46
C GLY A 97 2.03 16.55 -0.06
N SER A 98 3.05 16.30 0.78
CA SER A 98 2.93 16.67 2.19
C SER A 98 2.84 18.18 2.39
N GLY A 99 3.53 18.97 1.56
CA GLY A 99 3.45 20.42 1.70
C GLY A 99 2.05 20.96 1.44
N SER A 100 1.36 20.40 0.44
CA SER A 100 -0.03 20.78 0.20
C SER A 100 -0.91 20.47 1.41
N PHE A 101 -0.78 19.27 1.95
CA PHE A 101 -1.56 18.91 3.14
C PHE A 101 -1.18 19.76 4.35
N SER A 102 0.11 20.05 4.54
CA SER A 102 0.52 20.91 5.64
C SER A 102 -0.11 22.28 5.52
N SER A 103 -0.06 22.88 4.33
CA SER A 103 -0.71 24.16 4.10
C SER A 103 -2.20 24.07 4.37
N ALA A 104 -2.87 23.05 3.85
CA ALA A 104 -4.32 22.94 4.02
C ALA A 104 -4.70 22.80 5.49
N PHE A 105 -4.01 21.92 6.21
CA PHE A 105 -4.37 21.68 7.60
C PHE A 105 -4.07 22.91 8.46
N SER A 106 -2.94 23.58 8.21
CA SER A 106 -2.59 24.77 8.98
C SER A 106 -3.63 25.88 8.80
N SER A 107 -4.07 26.09 7.56
CA SER A 107 -5.10 27.09 7.27
C SER A 107 -6.43 26.76 7.92
N SER A 108 -6.64 25.49 8.27
CA SER A 108 -7.92 25.03 8.79
C SER A 108 -7.94 24.91 10.30
N ASN A 109 -6.85 25.29 10.95
CA ASN A 109 -6.77 25.19 12.42
C ASN A 109 -6.92 23.74 12.87
N ALA A 110 -6.54 22.81 12.03
CA ALA A 110 -6.62 21.40 12.37
C ALA A 110 -5.51 20.99 13.33
N ASP A 111 -5.86 20.12 14.25
CA ASP A 111 -4.88 19.51 15.14
C ASP A 111 -4.76 18.01 14.97
N THR A 112 -5.87 17.33 14.65
CA THR A 112 -5.81 15.89 14.45
C THR A 112 -6.69 15.57 13.26
N ILE A 113 -6.35 14.48 12.60
CA ILE A 113 -7.07 13.96 11.44
C ILE A 113 -7.45 12.52 11.77
N GLN A 114 -8.70 12.15 11.53
CA GLN A 114 -9.12 10.76 11.66
C GLN A 114 -9.25 10.20 10.25
N LEU A 115 -8.52 9.12 9.96
CA LEU A 115 -8.35 8.63 8.59
C LEU A 115 -8.86 7.21 8.47
N SER A 116 -9.62 6.93 7.40
CA SER A 116 -10.06 5.56 7.14
C SER A 116 -10.01 5.30 5.64
N ILE A 117 -10.09 4.03 5.26
CA ILE A 117 -9.91 3.60 3.87
C ILE A 117 -11.29 3.32 3.28
N VAL A 118 -11.53 3.86 2.07
CA VAL A 118 -12.85 3.80 1.43
C VAL A 118 -12.85 2.61 0.50
N ALA A 119 -13.76 1.67 0.72
CA ALA A 119 -14.06 0.54 -0.16
C ALA A 119 -12.84 -0.32 -0.50
N PRO A 120 -12.22 -0.94 0.50
CA PRO A 120 -11.10 -1.85 0.22
C PRO A 120 -11.60 -3.18 -0.32
N ALA A 121 -10.71 -3.86 -1.04
CA ALA A 121 -10.98 -5.17 -1.61
C ALA A 121 -9.65 -5.89 -1.82
N ASN A 122 -9.71 -7.22 -1.95
CA ASN A 122 -8.46 -7.92 -2.23
C ASN A 122 -8.65 -9.05 -3.24
N LYS A 123 -7.53 -9.49 -3.79
CA LYS A 123 -7.50 -10.60 -4.73
C LYS A 123 -6.29 -11.45 -4.38
N GLU A 124 -6.49 -12.75 -4.23
CA GLU A 124 -5.45 -13.61 -3.71
C GLU A 124 -4.84 -14.49 -4.78
N LEU A 125 -3.53 -14.75 -4.60
CA LEU A 125 -2.85 -15.88 -5.22
C LEU A 125 -3.30 -17.15 -4.53
N THR A 126 -3.85 -18.08 -5.27
CA THR A 126 -4.38 -19.25 -4.61
C THR A 126 -3.45 -20.44 -4.63
N ASN A 127 -2.39 -20.44 -5.47
CA ASN A 127 -1.55 -21.62 -5.66
C ASN A 127 -0.07 -21.36 -5.32
N PHE A 128 0.20 -20.64 -4.22
CA PHE A 128 1.58 -20.32 -3.85
C PHE A 128 2.47 -21.54 -3.82
N ASP A 129 2.07 -22.59 -3.11
CA ASP A 129 2.94 -23.76 -3.00
C ASP A 129 3.17 -24.41 -4.35
N ALA A 130 2.12 -24.49 -5.18
CA ALA A 130 2.33 -25.03 -6.53
C ALA A 130 3.23 -24.16 -7.38
N VAL A 131 3.22 -22.83 -7.18
CA VAL A 131 4.19 -21.95 -7.86
C VAL A 131 5.61 -22.36 -7.50
N LEU A 132 5.87 -22.60 -6.23
CA LEU A 132 7.21 -23.04 -5.84
C LEU A 132 7.54 -24.42 -6.43
N VAL A 133 6.56 -25.34 -6.45
CA VAL A 133 6.80 -26.64 -7.09
C VAL A 133 7.23 -26.44 -8.54
N GLN A 134 6.50 -25.60 -9.28
CA GLN A 134 6.84 -25.38 -10.68
C GLN A 134 8.25 -24.80 -10.83
N MET A 135 8.62 -23.83 -9.99
CA MET A 135 9.98 -23.28 -10.03
C MET A 135 11.01 -24.37 -9.79
N ASN A 136 10.79 -25.19 -8.78
CA ASN A 136 11.73 -26.26 -8.47
C ASN A 136 11.75 -27.37 -9.52
N GLU A 137 10.66 -27.53 -10.28
CA GLU A 137 10.65 -28.46 -11.41
C GLU A 137 11.36 -27.90 -12.64
N ALA A 138 11.69 -26.62 -12.67
CA ALA A 138 12.39 -26.05 -13.80
C ALA A 138 13.90 -26.29 -13.76
N LYS A 139 14.48 -26.46 -12.57
CA LYS A 139 15.91 -26.72 -12.43
C LYS A 139 16.75 -25.64 -13.10
N ALA A 140 16.34 -24.39 -12.94
CA ALA A 140 17.01 -23.29 -13.60
C ALA A 140 18.28 -22.88 -12.85
N GLU A 141 19.30 -22.48 -13.61
CA GLU A 141 20.55 -22.01 -13.03
C GLU A 141 20.31 -20.71 -12.26
N PRO A 142 21.01 -20.53 -11.14
CA PRO A 142 20.99 -19.22 -10.46
C PRO A 142 21.62 -18.16 -11.37
N ALA A 143 20.92 -17.03 -11.50
CA ALA A 143 21.38 -15.97 -12.40
C ALA A 143 22.74 -15.43 -11.98
N THR A 147 22.17 -11.84 -4.78
CA THR A 147 22.68 -12.91 -3.94
C THR A 147 22.49 -12.57 -2.46
N ASP A 148 22.73 -11.30 -2.10
CA ASP A 148 22.38 -10.80 -0.77
C ASP A 148 21.04 -10.06 -0.76
N ARG A 149 20.22 -10.24 -1.78
CA ARG A 149 18.89 -9.65 -1.86
C ARG A 149 17.85 -10.56 -1.19
N ASN A 150 16.70 -9.98 -0.88
CA ASN A 150 15.54 -10.70 -0.39
C ASN A 150 14.46 -10.74 -1.47
N PHE A 151 13.70 -11.82 -1.49
CA PHE A 151 12.73 -12.09 -2.54
C PHE A 151 11.35 -12.33 -1.93
N PHE A 152 10.34 -11.68 -2.48
CA PHE A 152 8.98 -11.79 -1.96
C PHE A 152 8.04 -12.05 -3.11
N VAL A 153 7.12 -12.98 -2.89
CA VAL A 153 6.04 -13.25 -3.84
C VAL A 153 4.80 -12.55 -3.34
N VAL A 154 4.10 -11.83 -4.23
CA VAL A 154 2.84 -11.20 -3.87
C VAL A 154 1.77 -12.27 -3.73
N THR A 155 1.21 -12.41 -2.53
CA THR A 155 0.14 -13.39 -2.35
C THR A 155 -1.24 -12.75 -2.26
N LYS A 156 -1.36 -11.45 -2.00
CA LYS A 156 -2.67 -10.78 -2.07
C LYS A 156 -2.43 -9.35 -2.53
N VAL A 157 -3.28 -8.88 -3.45
CA VAL A 157 -3.30 -7.49 -3.89
C VAL A 157 -4.48 -6.82 -3.24
N TRP A 158 -4.26 -5.65 -2.66
CA TRP A 158 -5.30 -4.92 -1.94
C TRP A 158 -5.56 -3.61 -2.67
N ARG A 159 -6.82 -3.33 -2.99
CA ARG A 159 -7.16 -2.06 -3.63
CA ARG A 159 -7.25 -2.11 -3.69
C ARG A 159 -8.26 -1.34 -2.85
N ALA A 160 -8.34 -0.04 -3.11
CA ALA A 160 -9.34 0.80 -2.43
C ALA A 160 -9.71 1.98 -3.30
N ARG A 161 -10.86 2.56 -3.00
CA ARG A 161 -11.33 3.70 -3.78
C ARG A 161 -10.68 5.00 -3.35
N GLY A 162 -10.26 5.10 -2.09
CA GLY A 162 -9.59 6.31 -1.64
C GLY A 162 -9.52 6.33 -0.12
N ILE A 163 -9.43 7.56 0.41
CA ILE A 163 -9.26 7.80 1.85
C ILE A 163 -10.33 8.79 2.30
N ARG A 164 -10.87 8.57 3.49
CA ARG A 164 -11.86 9.46 4.12
C ARG A 164 -11.22 10.06 5.37
N ILE A 165 -11.36 11.37 5.56
CA ILE A 165 -10.86 11.97 6.79
C ILE A 165 -11.92 12.82 7.50
N SER A 166 -11.76 12.91 8.82
CA SER A 166 -12.46 13.88 9.65
C SER A 166 -11.39 14.77 10.29
N VAL A 167 -11.66 16.08 10.30
CA VAL A 167 -10.71 17.08 10.74
C VAL A 167 -11.18 17.63 12.08
N ALA A 168 -10.28 17.68 13.08
CA ALA A 168 -10.63 18.26 14.37
C ALA A 168 -9.60 19.29 14.81
N ASP A 169 -10.07 20.30 15.55
CA ASP A 169 -9.18 21.30 16.12
C ASP A 169 -8.67 20.82 17.48
N LYS A 170 -7.93 21.70 18.19
CA LYS A 170 -7.26 21.27 19.42
C LYS A 170 -8.24 20.84 20.50
N SER A 171 -9.44 21.38 20.49
CA SER A 171 -10.47 20.99 21.44
C SER A 171 -11.21 19.72 21.03
N LYS A 172 -10.79 19.05 19.95
CA LYS A 172 -11.45 17.88 19.40
C LYS A 172 -12.84 18.21 18.84
N LYS A 173 -13.03 19.45 18.41
CA LYS A 173 -14.20 19.85 17.63
C LYS A 173 -13.99 19.55 16.17
N GLN A 174 -14.95 18.88 15.56
CA GLN A 174 -14.82 18.59 14.13
C GLN A 174 -15.08 19.88 13.37
N VAL A 175 -14.19 20.18 12.42
CA VAL A 175 -14.22 21.43 11.67
C VAL A 175 -14.07 21.14 10.19
N ASP A 176 -14.58 22.08 9.38
CA ASP A 176 -14.36 22.01 7.94
C ASP A 176 -12.93 22.41 7.59
N LEU A 177 -12.47 21.94 6.43
CA LEU A 177 -11.30 22.54 5.82
C LEU A 177 -11.64 23.97 5.38
N SER A 178 -10.67 24.87 5.53
CA SER A 178 -10.90 26.26 5.09
C SER A 178 -11.11 26.31 3.59
N ALA A 179 -11.69 27.42 3.12
CA ALA A 179 -11.86 27.57 1.67
C ALA A 179 -10.49 27.60 0.99
N LYS A 180 -9.51 28.26 1.62
CA LYS A 180 -8.16 28.25 1.05
C LYS A 180 -7.62 26.85 0.93
N ALA A 181 -7.81 26.03 1.97
CA ALA A 181 -7.35 24.64 1.94
C ALA A 181 -8.02 23.84 0.83
N VAL A 182 -9.35 23.97 0.72
CA VAL A 182 -10.07 23.25 -0.32
C VAL A 182 -9.60 23.69 -1.70
N GLU A 183 -9.36 25.00 -1.88
CA GLU A 183 -8.93 25.51 -3.17
C GLU A 183 -7.53 25.01 -3.53
N GLU A 184 -6.62 25.04 -2.56
CA GLU A 184 -5.26 24.55 -2.81
C GLU A 184 -5.28 23.08 -3.20
N LEU A 185 -6.01 22.26 -2.44
CA LEU A 185 -6.03 20.83 -2.70
C LEU A 185 -6.70 20.53 -4.03
N THR A 186 -7.81 21.20 -4.32
CA THR A 186 -8.54 20.95 -5.55
C THR A 186 -7.77 21.43 -6.78
N ALA A 187 -6.94 22.46 -6.64
CA ALA A 187 -6.15 22.90 -7.78
C ALA A 187 -5.11 21.86 -8.19
N LYS A 188 -4.52 21.18 -7.22
CA LYS A 188 -3.43 20.24 -7.47
C LYS A 188 -3.90 18.80 -7.65
N ALA A 189 -5.08 18.45 -7.17
CA ALA A 189 -5.47 17.05 -7.07
C ALA A 189 -5.80 16.46 -8.44
N LYS A 190 -5.30 15.25 -8.68
CA LYS A 190 -5.67 14.48 -9.85
C LYS A 190 -6.70 13.41 -9.46
N MET A 191 -7.53 13.72 -8.48
CA MET A 191 -8.57 12.84 -7.97
C MET A 191 -9.69 13.73 -7.42
N GLU A 192 -10.79 13.12 -6.97
CA GLU A 192 -11.95 13.84 -6.48
C GLU A 192 -11.80 14.18 -5.00
N LEU A 193 -12.13 15.42 -4.62
CA LEU A 193 -12.22 15.82 -3.22
C LEU A 193 -13.66 16.19 -2.92
N LYS A 194 -14.31 15.42 -2.06
CA LYS A 194 -15.71 15.58 -1.79
C LYS A 194 -15.95 15.83 -0.31
N ARG A 195 -16.74 16.85 0.02
CA ARG A 195 -17.19 17.06 1.39
C ARG A 195 -18.45 16.24 1.61
N GLU A 196 -18.40 15.33 2.58
CA GLU A 196 -19.57 14.50 2.87
C GLU A 196 -20.47 15.20 3.89
N ASP A 197 -21.76 14.87 3.83
CA ASP A 197 -22.74 15.57 4.65
C ASP A 197 -22.53 15.35 6.14
N THR A 198 -21.79 14.31 6.52
CA THR A 198 -21.34 14.12 7.90
C THR A 198 -20.24 15.10 8.30
N GLY A 199 -19.66 15.82 7.34
CA GLY A 199 -18.53 16.69 7.62
C GLY A 199 -17.16 16.07 7.39
N SER A 200 -17.10 14.79 7.07
CA SER A 200 -15.82 14.25 6.63
C SER A 200 -15.55 14.65 5.18
N TYR A 201 -14.30 14.45 4.76
CA TYR A 201 -13.89 14.64 3.37
C TYR A 201 -13.42 13.31 2.79
N ALA A 202 -13.82 13.02 1.55
CA ALA A 202 -13.35 11.84 0.87
C ALA A 202 -12.44 12.27 -0.28
N PHE A 203 -11.30 11.63 -0.36
CA PHE A 203 -10.34 11.77 -1.46
C PHE A 203 -10.44 10.49 -2.26
N LEU A 204 -11.05 10.58 -3.44
CA LEU A 204 -11.50 9.41 -4.19
C LEU A 204 -10.89 9.38 -5.58
N ALA A 205 -10.28 8.24 -5.92
CA ALA A 205 -10.00 7.94 -7.32
C ALA A 205 -11.33 7.59 -8.02
N ALA A 206 -11.30 7.40 -9.35
CA ALA A 206 -12.54 7.07 -10.06
C ALA A 206 -12.89 5.59 -9.96
N SER A 207 -11.91 4.77 -9.62
CA SER A 207 -12.05 3.32 -9.46
C SER A 207 -11.02 2.91 -8.42
N GLN A 208 -11.07 1.65 -8.00
CA GLN A 208 -10.19 1.18 -6.93
C GLN A 208 -8.76 1.02 -7.43
N LEU A 209 -7.81 1.55 -6.67
CA LEU A 209 -6.40 1.44 -6.98
C LEU A 209 -5.72 0.54 -5.98
N ILE A 210 -4.68 -0.17 -6.43
CA ILE A 210 -3.89 -1.01 -5.54
C ILE A 210 -3.10 -0.12 -4.59
N PHE A 211 -3.21 -0.38 -3.30
CA PHE A 211 -2.50 0.36 -2.27
C PHE A 211 -1.65 -0.53 -1.38
N GLY A 212 -1.82 -1.84 -1.44
CA GLY A 212 -1.11 -2.69 -0.49
C GLY A 212 -0.96 -4.09 -1.02
N LEU A 213 0.04 -4.81 -0.49
CA LEU A 213 0.32 -6.19 -0.90
C LEU A 213 0.59 -7.04 0.33
N THR A 214 0.02 -8.25 0.34
CA THR A 214 0.45 -9.29 1.26
C THR A 214 1.53 -10.11 0.56
N LEU A 215 2.54 -10.52 1.30
CA LEU A 215 3.75 -11.09 0.72
C LEU A 215 4.16 -12.36 1.46
N ARG A 216 4.84 -13.25 0.73
CA ARG A 216 5.51 -14.39 1.34
C ARG A 216 6.97 -14.36 0.89
N GLU A 217 7.89 -14.48 1.83
CA GLU A 217 9.31 -14.43 1.47
C GLU A 217 9.80 -15.80 1.01
N VAL A 218 10.63 -15.81 -0.03
CA VAL A 218 11.24 -17.03 -0.53
C VAL A 218 12.75 -16.82 -0.61
N THR A 219 13.49 -17.93 -0.63
CA THR A 219 14.93 -17.84 -0.77
C THR A 219 15.39 -19.05 -1.57
N TYR A 220 16.60 -18.93 -2.12
CA TYR A 220 17.24 -19.99 -2.88
C TYR A 220 18.34 -20.62 -2.02
N LYS A 221 18.21 -21.91 -1.76
CA LYS A 221 19.18 -22.58 -0.91
C LYS A 221 19.45 -23.97 -1.43
N ASP A 222 20.72 -24.31 -1.58
CA ASP A 222 21.14 -25.66 -1.98
C ASP A 222 20.31 -26.15 -3.15
N GLY A 223 20.18 -25.29 -4.15
CA GLY A 223 19.60 -25.70 -5.41
C GLY A 223 18.09 -25.73 -5.43
N ALA A 224 17.43 -25.11 -4.45
CA ALA A 224 15.98 -25.12 -4.41
C ALA A 224 15.44 -23.76 -4.02
N ILE A 225 14.23 -23.45 -4.47
CA ILE A 225 13.49 -22.30 -3.96
C ILE A 225 12.63 -22.76 -2.80
N VAL A 226 12.72 -22.06 -1.68
CA VAL A 226 12.11 -22.47 -0.43
C VAL A 226 11.37 -21.30 0.17
N ASP A 227 10.20 -21.59 0.73
CA ASP A 227 9.45 -20.63 1.51
C ASP A 227 10.20 -20.29 2.80
N VAL A 228 10.32 -19.02 3.12
CA VAL A 228 10.83 -18.59 4.42
C VAL A 228 9.66 -18.44 5.39
N PRO A 244 1.84 -16.57 7.80
CA PRO A 244 3.24 -16.49 7.42
C PRO A 244 3.53 -15.22 6.61
N PHE A 245 2.93 -14.12 7.03
CA PHE A 245 3.08 -12.85 6.33
C PHE A 245 4.51 -12.36 6.42
N ALA A 246 5.02 -11.79 5.33
CA ALA A 246 6.33 -11.15 5.32
C ALA A 246 6.20 -9.64 5.15
N PHE A 247 7.15 -8.90 5.70
CA PHE A 247 7.14 -7.43 5.66
C PHE A 247 8.48 -6.93 5.19
N ILE A 248 8.47 -5.97 4.29
CA ILE A 248 9.69 -5.42 3.69
C ILE A 248 10.18 -4.25 4.52
N GLY A 249 11.46 -4.29 4.89
CA GLY A 249 12.11 -3.14 5.48
C GLY A 249 11.52 -2.71 6.82
N ASP A 250 11.77 -1.44 7.13
CA ASP A 250 11.48 -0.88 8.45
C ASP A 250 10.37 0.16 8.43
N ASP A 251 9.68 0.30 7.31
CA ASP A 251 8.69 1.35 7.09
C ASP A 251 7.42 0.63 6.66
N ALA A 252 6.31 0.90 7.35
CA ALA A 252 5.04 0.32 6.90
C ALA A 252 4.74 0.64 5.45
N PHE A 253 5.23 1.79 4.97
CA PHE A 253 5.17 2.11 3.55
C PHE A 253 6.41 1.62 2.85
N VAL A 254 6.19 1.06 1.67
CA VAL A 254 7.24 0.54 0.81
C VAL A 254 7.19 1.33 -0.49
N ASP A 255 8.23 2.13 -0.74
CA ASP A 255 8.40 2.74 -2.04
C ASP A 255 8.79 1.66 -3.02
N LEU A 256 7.95 1.43 -4.02
CA LEU A 256 8.06 0.24 -4.86
C LEU A 256 7.97 0.63 -6.33
N PRO A 257 9.08 0.99 -6.96
CA PRO A 257 9.03 1.30 -8.39
C PRO A 257 8.56 0.10 -9.20
N GLU A 258 7.79 0.40 -10.25
CA GLU A 258 7.38 -0.60 -11.23
C GLU A 258 8.59 -1.24 -11.90
N SER A 259 8.38 -2.42 -12.45
CA SER A 259 9.50 -3.04 -13.18
C SER A 259 9.66 -2.34 -14.53
#